data_3T5N
#
_entry.id   3T5N
#
_cell.length_a   74.159
_cell.length_b   71.737
_cell.length_c   56.887
_cell.angle_alpha   90.00
_cell.angle_beta   90.00
_cell.angle_gamma   90.00
#
_symmetry.space_group_name_H-M   'P 21 21 2'
#
loop_
_entity.id
_entity.type
_entity.pdbx_description
1 polymer Nucleoprotein
2 polymer "RNA (5'-R(P*UP*AP*UP*CP*UP*C)-3')"
3 non-polymer 'NICKEL (II) ION'
4 water water
#
loop_
_entity_poly.entity_id
_entity_poly.type
_entity_poly.pdbx_seq_one_letter_code
_entity_poly.pdbx_strand_id
1 'polypeptide(L)'
;MAHHHHHHVDDDDKMSASKEIKSFLWTQSLRRELSGYCSNIKLQVVKDAQALLHGLDFSEVSNVQRLMRKERRDDNDLKR
LRDLNQAVNNLVELKSTQQKSILRVGTLTSDDLLILAADLEKLKSKVIRTERPLSAGVYMGNLSSQQLDQRRALLNMIGM
SGGNQGARAGRDGVVRVWDVKNAELLSNQFGTMPSLTLACLTKQGQVDLNDAVQALTDLGLIYTAKYPNTSDLDRLTQSH
PILNMIDTKKSSLNISGYNFSLGAAVKAGACMLDGGNMLETIKVSPQTMDGILKSILKVKKALGMFISDTPGERNPYENI
LYKICLSGDGWPYIASRTSITGRAWENTVVDLES
;
A
2 'polyribonucleotide' UAUCUC C
#
loop_
_chem_comp.id
_chem_comp.type
_chem_comp.name
_chem_comp.formula
A RNA linking ADENOSINE-5'-MONOPHOSPHATE 'C10 H14 N5 O7 P'
C RNA linking CYTIDINE-5'-MONOPHOSPHATE 'C9 H14 N3 O8 P'
NI non-polymer 'NICKEL (II) ION' 'Ni 2'
U RNA linking URIDINE-5'-MONOPHOSPHATE 'C9 H13 N2 O9 P'
#
# COMPACT_ATOMS: atom_id res chain seq x y z
N LYS A 22 -5.88 19.93 2.97
CA LYS A 22 -6.42 19.61 1.65
C LYS A 22 -6.21 18.14 1.33
N SER A 23 -5.12 17.58 1.84
CA SER A 23 -4.79 16.19 1.59
C SER A 23 -5.88 15.26 2.12
N PHE A 24 -6.29 15.46 3.37
CA PHE A 24 -7.33 14.60 3.90
C PHE A 24 -8.64 14.81 3.17
N LEU A 25 -8.89 16.05 2.73
CA LEU A 25 -10.07 16.34 1.89
C LEU A 25 -10.04 15.55 0.57
N TRP A 26 -8.86 15.41 -0.03
CA TRP A 26 -8.73 14.58 -1.24
C TRP A 26 -9.07 13.12 -0.92
N THR A 27 -8.46 12.61 0.13
CA THR A 27 -8.71 11.24 0.60
C THR A 27 -10.20 11.01 0.86
N GLN A 28 -10.81 11.94 1.60
CA GLN A 28 -12.22 11.89 1.94
C GLN A 28 -13.11 11.86 0.68
N SER A 29 -12.79 12.72 -0.27
CA SER A 29 -13.59 12.83 -1.49
C SER A 29 -13.43 11.60 -2.37
N LEU A 30 -12.23 11.04 -2.39
CA LEU A 30 -11.98 9.78 -3.09
C LEU A 30 -12.76 8.63 -2.44
N ARG A 31 -12.75 8.55 -1.11
CA ARG A 31 -13.54 7.54 -0.42
C ARG A 31 -15.02 7.60 -0.80
N ARG A 32 -15.59 8.80 -0.76
CA ARG A 32 -16.99 8.98 -1.12
C ARG A 32 -17.25 8.46 -2.52
N GLU A 33 -16.41 8.88 -3.46
CA GLU A 33 -16.64 8.60 -4.88
C GLU A 33 -16.43 7.13 -5.24
N LEU A 34 -15.46 6.48 -4.59
CA LEU A 34 -15.11 5.11 -4.91
C LEU A 34 -15.77 4.08 -3.99
N SER A 35 -16.76 4.51 -3.22
CA SER A 35 -17.38 3.65 -2.22
C SER A 35 -17.81 2.29 -2.78
N GLY A 36 -18.32 2.28 -4.01
CA GLY A 36 -18.78 1.05 -4.64
C GLY A 36 -17.71 0.04 -4.98
N TYR A 37 -16.45 0.45 -4.92
CA TYR A 37 -15.34 -0.47 -5.19
C TYR A 37 -14.65 -0.92 -3.91
N CYS A 38 -15.09 -0.37 -2.78
CA CYS A 38 -14.54 -0.75 -1.48
C CYS A 38 -15.35 -1.92 -0.94
N SER A 39 -14.73 -2.73 -0.11
CA SER A 39 -15.49 -3.78 0.55
C SER A 39 -14.83 -4.17 1.86
N ASN A 40 -15.51 -4.98 2.65
CA ASN A 40 -14.92 -5.48 3.88
C ASN A 40 -13.91 -6.57 3.52
N ILE A 41 -12.67 -6.40 3.97
CA ILE A 41 -11.64 -7.43 3.76
C ILE A 41 -10.96 -7.82 5.07
N LYS A 42 -11.53 -7.40 6.19
CA LYS A 42 -10.89 -7.67 7.48
C LYS A 42 -10.53 -9.15 7.67
N LEU A 43 -11.50 -10.04 7.50
CA LEU A 43 -11.22 -11.46 7.80
C LEU A 43 -10.25 -12.07 6.80
N GLN A 44 -10.28 -11.58 5.56
CA GLN A 44 -9.31 -12.03 4.58
C GLN A 44 -7.89 -11.61 4.95
N VAL A 45 -7.74 -10.38 5.45
CA VAL A 45 -6.43 -9.91 5.92
C VAL A 45 -6.00 -10.73 7.13
N VAL A 46 -6.94 -10.99 8.02
CA VAL A 46 -6.61 -11.73 9.23
C VAL A 46 -6.18 -13.16 8.89
N LYS A 47 -6.88 -13.78 7.94
CA LYS A 47 -6.52 -15.13 7.49
C LYS A 47 -5.11 -15.16 6.91
N ASP A 48 -4.77 -14.18 6.07
CA ASP A 48 -3.41 -14.06 5.54
C ASP A 48 -2.38 -13.83 6.66
N ALA A 49 -2.75 -13.03 7.66
CA ALA A 49 -1.82 -12.79 8.77
C ALA A 49 -1.55 -14.10 9.50
N GLN A 50 -2.59 -14.89 9.69
CA GLN A 50 -2.46 -16.18 10.36
C GLN A 50 -1.60 -17.12 9.52
N ALA A 51 -1.77 -17.08 8.21
CA ALA A 51 -0.95 -17.90 7.31
C ALA A 51 0.52 -17.56 7.48
N LEU A 52 0.81 -16.26 7.63
CA LEU A 52 2.19 -15.81 7.81
C LEU A 52 2.70 -16.26 9.16
N LEU A 53 1.88 -16.09 10.18
CA LEU A 53 2.28 -16.50 11.52
C LEU A 53 2.63 -18.00 11.56
N HIS A 54 1.91 -18.80 10.80
CA HIS A 54 2.14 -20.24 10.77
C HIS A 54 3.31 -20.66 9.89
N GLY A 55 3.54 -19.91 8.82
CA GLY A 55 4.41 -20.35 7.75
C GLY A 55 5.69 -19.58 7.54
N LEU A 56 5.79 -18.40 8.14
CA LEU A 56 6.93 -17.50 7.90
C LEU A 56 8.11 -17.79 8.83
N ASP A 57 9.32 -17.64 8.29
CA ASP A 57 10.53 -17.79 9.08
C ASP A 57 10.84 -16.46 9.74
N PHE A 58 10.46 -16.32 11.01
CA PHE A 58 10.57 -15.03 11.69
C PHE A 58 12.00 -14.63 12.11
N SER A 59 12.91 -15.60 12.11
CA SER A 59 14.31 -15.26 12.32
C SER A 59 14.85 -14.54 11.08
N GLU A 60 14.36 -14.93 9.90
CA GLU A 60 14.75 -14.23 8.67
C GLU A 60 14.04 -12.90 8.58
N VAL A 61 12.81 -12.82 9.09
CA VAL A 61 12.12 -11.53 9.18
C VAL A 61 12.96 -10.57 9.99
N SER A 62 13.47 -11.04 11.14
CA SER A 62 14.38 -10.23 11.96
C SER A 62 15.63 -9.86 11.19
N ASN A 63 16.17 -10.79 10.41
CA ASN A 63 17.37 -10.54 9.61
CA ASN A 63 17.37 -10.54 9.61
C ASN A 63 17.12 -9.46 8.56
N VAL A 64 15.97 -9.56 7.89
CA VAL A 64 15.65 -8.60 6.84
C VAL A 64 15.37 -7.21 7.41
N GLN A 65 14.70 -7.17 8.57
CA GLN A 65 14.43 -5.89 9.22
C GLN A 65 15.74 -5.13 9.47
N ARG A 66 16.71 -5.81 10.06
CA ARG A 66 18.00 -5.19 10.36
C ARG A 66 18.74 -4.77 9.09
N LEU A 67 18.79 -5.67 8.12
CA LEU A 67 19.49 -5.39 6.86
C LEU A 67 18.92 -4.16 6.18
N MET A 68 17.59 -4.04 6.21
CA MET A 68 16.91 -2.94 5.53
C MET A 68 17.16 -1.60 6.21
N ARG A 69 17.63 -1.65 7.46
CA ARG A 69 17.81 -0.42 8.23
C ARG A 69 19.22 0.17 8.11
N LYS A 70 20.09 -0.54 7.40
CA LYS A 70 21.46 -0.09 7.16
C LYS A 70 21.54 1.21 6.35
N GLU A 71 22.57 2.01 6.64
CA GLU A 71 22.79 3.29 5.99
C GLU A 71 23.14 3.07 4.52
N ARG A 72 23.75 1.93 4.24
CA ARG A 72 24.25 1.59 2.91
C ARG A 72 23.96 0.13 2.61
N ARG A 73 23.14 -0.12 1.60
CA ARG A 73 22.68 -1.47 1.29
C ARG A 73 23.12 -1.94 -0.09
N ASP A 74 23.32 -3.25 -0.25
CA ASP A 74 23.83 -3.80 -1.50
C ASP A 74 22.98 -4.93 -2.07
N ASP A 75 23.47 -5.56 -3.14
CA ASP A 75 22.72 -6.62 -3.79
C ASP A 75 22.49 -7.84 -2.90
N ASN A 76 23.40 -8.09 -1.97
CA ASN A 76 23.23 -9.17 -1.00
C ASN A 76 21.97 -8.90 -0.18
N ASP A 77 21.88 -7.68 0.36
CA ASP A 77 20.74 -7.28 1.16
C ASP A 77 19.45 -7.36 0.37
N LEU A 78 19.49 -6.91 -0.88
CA LEU A 78 18.31 -6.92 -1.75
C LEU A 78 17.83 -8.35 -2.01
N LYS A 79 18.76 -9.27 -2.22
CA LYS A 79 18.39 -10.66 -2.47
C LYS A 79 17.66 -11.26 -1.28
N ARG A 80 18.13 -10.91 -0.08
CA ARG A 80 17.49 -11.35 1.15
C ARG A 80 16.07 -10.80 1.27
N LEU A 81 15.90 -9.53 0.90
CA LEU A 81 14.56 -8.96 0.90
C LEU A 81 13.65 -9.67 -0.12
N ARG A 82 14.16 -9.82 -1.34
CA ARG A 82 13.38 -10.42 -2.42
C ARG A 82 12.99 -11.88 -2.17
N ASP A 83 13.90 -12.65 -1.59
CA ASP A 83 13.58 -14.03 -1.27
C ASP A 83 12.48 -14.09 -0.21
N LEU A 84 12.61 -13.26 0.82
CA LEU A 84 11.62 -13.23 1.89
C LEU A 84 10.27 -12.82 1.32
N ASN A 85 10.29 -11.82 0.43
CA ASN A 85 9.07 -11.38 -0.24
C ASN A 85 8.38 -12.52 -0.98
N GLN A 86 9.17 -13.34 -1.67
CA GLN A 86 8.62 -14.46 -2.42
C GLN A 86 7.95 -15.44 -1.46
N ALA A 87 8.55 -15.61 -0.29
CA ALA A 87 8.02 -16.54 0.70
C ALA A 87 6.68 -16.01 1.21
N VAL A 88 6.62 -14.71 1.47
CA VAL A 88 5.38 -14.07 1.93
C VAL A 88 4.31 -14.17 0.87
N ASN A 89 4.68 -13.82 -0.36
CA ASN A 89 3.78 -13.91 -1.51
C ASN A 89 3.19 -15.31 -1.71
N ASN A 90 3.98 -16.34 -1.42
CA ASN A 90 3.49 -17.71 -1.58
C ASN A 90 2.49 -18.12 -0.51
N LEU A 91 2.46 -17.38 0.59
CA LEU A 91 1.62 -17.76 1.73
C LEU A 91 0.26 -17.08 1.74
N VAL A 92 0.17 -15.89 1.13
CA VAL A 92 -1.03 -15.08 1.25
C VAL A 92 -1.97 -15.22 0.06
N GLU A 93 -3.24 -14.91 0.27
CA GLU A 93 -4.23 -14.95 -0.81
C GLU A 93 -4.54 -13.58 -1.41
N LEU A 94 -4.38 -12.53 -0.61
CA LEU A 94 -4.58 -11.17 -1.11
C LEU A 94 -3.31 -10.78 -1.84
N LYS A 95 -3.33 -11.02 -3.16
CA LYS A 95 -2.16 -10.82 -3.99
C LYS A 95 -2.58 -10.02 -5.21
N SER A 96 -1.70 -9.15 -5.71
CA SER A 96 -1.91 -8.56 -7.02
C SER A 96 -1.11 -9.39 -8.02
N THR A 97 -1.60 -9.46 -9.24
CA THR A 97 -0.95 -10.28 -10.27
C THR A 97 -0.55 -9.39 -11.44
N GLN A 98 0.43 -9.82 -12.22
CA GLN A 98 0.86 -9.06 -13.39
C GLN A 98 -0.33 -8.91 -14.32
N GLN A 99 -0.77 -7.68 -14.53
CA GLN A 99 -1.91 -7.43 -15.39
C GLN A 99 -1.75 -6.08 -16.04
N LYS A 100 -1.32 -6.08 -17.29
CA LYS A 100 -1.16 -4.83 -18.01
C LYS A 100 -2.52 -4.35 -18.49
N SER A 101 -2.66 -3.03 -18.57
CA SER A 101 -3.89 -2.43 -19.05
C SER A 101 -3.58 -1.50 -20.21
N ILE A 102 -4.33 -1.65 -21.30
CA ILE A 102 -4.23 -0.71 -22.40
C ILE A 102 -5.54 0.06 -22.40
N LEU A 103 -5.48 1.32 -21.98
CA LEU A 103 -6.67 2.14 -21.87
C LEU A 103 -7.09 2.69 -23.22
N ARG A 104 -8.36 2.46 -23.58
CA ARG A 104 -8.90 2.81 -24.89
C ARG A 104 -10.25 3.51 -24.66
N VAL A 105 -10.71 4.28 -25.63
CA VAL A 105 -11.92 5.08 -25.45
C VAL A 105 -13.17 4.21 -25.25
N GLY A 106 -14.08 4.70 -24.42
CA GLY A 106 -15.28 3.97 -24.04
C GLY A 106 -15.82 4.61 -22.77
N THR A 107 -15.78 3.88 -21.67
CA THR A 107 -16.04 4.48 -20.36
C THR A 107 -15.22 5.76 -20.19
N LEU A 108 -13.93 5.70 -20.52
CA LEU A 108 -13.09 6.89 -20.49
C LEU A 108 -13.19 7.64 -21.81
N THR A 109 -13.40 8.94 -21.75
CA THR A 109 -13.50 9.76 -22.95
C THR A 109 -12.11 10.03 -23.48
N SER A 110 -12.03 10.56 -24.69
CA SER A 110 -10.73 10.91 -25.26
C SER A 110 -10.01 11.90 -24.36
N ASP A 111 -10.74 12.91 -23.88
CA ASP A 111 -10.15 13.86 -22.93
C ASP A 111 -9.60 13.14 -21.69
N ASP A 112 -10.40 12.25 -21.11
CA ASP A 112 -9.95 11.49 -19.93
C ASP A 112 -8.66 10.72 -20.18
N LEU A 113 -8.56 10.08 -21.35
CA LEU A 113 -7.35 9.32 -21.68
C LEU A 113 -6.12 10.23 -21.73
N LEU A 114 -6.29 11.43 -22.26
CA LEU A 114 -5.16 12.36 -22.40
C LEU A 114 -4.72 12.82 -21.02
N ILE A 115 -5.70 13.04 -20.14
CA ILE A 115 -5.41 13.44 -18.76
C ILE A 115 -4.61 12.36 -18.04
N LEU A 116 -5.06 11.11 -18.18
CA LEU A 116 -4.41 9.99 -17.52
C LEU A 116 -3.01 9.78 -18.10
N ALA A 117 -2.92 9.86 -19.42
CA ALA A 117 -1.62 9.71 -20.10
C ALA A 117 -0.62 10.74 -19.59
N ALA A 118 -1.04 11.99 -19.52
CA ALA A 118 -0.15 13.07 -19.07
C ALA A 118 0.22 12.89 -17.60
N ASP A 119 -0.72 12.49 -16.77
CA ASP A 119 -0.42 12.27 -15.36
C ASP A 119 0.54 11.10 -15.10
N LEU A 120 0.37 9.99 -15.83
CA LEU A 120 1.32 8.88 -15.76
C LEU A 120 2.71 9.31 -16.22
N GLU A 121 2.76 10.12 -17.27
CA GLU A 121 4.01 10.68 -17.75
C GLU A 121 4.65 11.57 -16.66
N LYS A 122 3.84 12.37 -15.97
CA LYS A 122 4.36 13.17 -14.85
C LYS A 122 4.96 12.28 -13.77
N LEU A 123 4.23 11.23 -13.43
CA LEU A 123 4.69 10.30 -12.39
C LEU A 123 6.05 9.73 -12.78
N LYS A 124 6.20 9.37 -14.05
CA LYS A 124 7.48 8.85 -14.56
C LYS A 124 8.59 9.89 -14.43
N SER A 125 8.26 11.13 -14.73
CA SER A 125 9.24 12.23 -14.73
C SER A 125 9.83 12.51 -13.36
N LYS A 126 9.05 12.30 -12.30
CA LYS A 126 9.53 12.57 -10.94
C LYS A 126 10.76 11.72 -10.56
N VAL A 177 20.82 4.59 0.85
CA VAL A 177 21.68 4.52 -0.32
C VAL A 177 21.93 3.08 -0.75
N TRP A 178 21.81 2.81 -2.05
CA TRP A 178 21.93 1.46 -2.60
C TRP A 178 23.14 1.30 -3.52
N ASP A 179 23.79 0.15 -3.39
CA ASP A 179 24.87 -0.22 -4.31
C ASP A 179 24.49 -1.52 -5.00
N VAL A 180 23.80 -1.39 -6.13
CA VAL A 180 23.21 -2.54 -6.82
C VAL A 180 23.49 -2.51 -8.32
N LYS A 181 23.50 -3.68 -8.96
CA LYS A 181 23.80 -3.80 -10.38
C LYS A 181 22.58 -3.48 -11.25
N ASN A 182 21.40 -3.80 -10.74
CA ASN A 182 20.15 -3.56 -11.46
C ASN A 182 19.10 -2.95 -10.54
N ALA A 183 18.89 -1.64 -10.66
CA ALA A 183 17.95 -0.92 -9.79
C ALA A 183 16.50 -1.37 -9.96
N GLU A 184 16.19 -1.97 -11.11
CA GLU A 184 14.84 -2.47 -11.36
C GLU A 184 14.41 -3.57 -10.38
N LEU A 185 15.38 -4.27 -9.80
CA LEU A 185 15.05 -5.31 -8.83
C LEU A 185 14.53 -4.73 -7.54
N LEU A 186 14.57 -3.40 -7.39
CA LEU A 186 13.99 -2.76 -6.20
C LEU A 186 12.48 -2.63 -6.34
N SER A 187 12.01 -2.60 -7.59
CA SER A 187 10.62 -2.29 -7.88
C SER A 187 9.65 -3.29 -7.24
N ASN A 188 8.66 -2.75 -6.53
CA ASN A 188 7.62 -3.56 -5.90
C ASN A 188 8.04 -4.45 -4.74
N GLN A 189 9.24 -4.22 -4.21
CA GLN A 189 9.74 -5.02 -3.10
C GLN A 189 9.60 -4.33 -1.74
N PHE A 190 9.23 -3.05 -1.76
CA PHE A 190 9.31 -2.24 -0.54
C PHE A 190 7.96 -1.79 0.02
N GLY A 191 6.89 -2.38 -0.50
CA GLY A 191 5.55 -1.99 -0.12
C GLY A 191 5.17 -2.51 1.25
N THR A 192 4.07 -1.99 1.76
CA THR A 192 3.54 -2.40 3.05
C THR A 192 2.23 -3.14 2.84
N MET A 193 2.06 -4.23 3.58
CA MET A 193 0.90 -5.09 3.44
C MET A 193 0.32 -5.31 4.82
N PRO A 194 -0.97 -4.99 5.01
CA PRO A 194 -1.62 -5.20 6.31
C PRO A 194 -1.41 -6.58 6.91
N SER A 195 -1.47 -7.65 6.11
CA SER A 195 -1.31 -8.98 6.70
C SER A 195 0.09 -9.19 7.30
N LEU A 196 1.10 -8.67 6.61
CA LEU A 196 2.48 -8.76 7.05
C LEU A 196 2.69 -7.91 8.30
N THR A 197 2.12 -6.71 8.28
CA THR A 197 2.17 -5.82 9.44
C THR A 197 1.56 -6.49 10.69
N LEU A 198 0.36 -7.03 10.53
CA LEU A 198 -0.30 -7.78 11.60
C LEU A 198 0.52 -8.97 12.08
N ALA A 199 1.03 -9.77 11.16
CA ALA A 199 1.83 -10.94 11.53
C ALA A 199 3.07 -10.53 12.33
N CYS A 200 3.76 -9.49 11.86
CA CYS A 200 5.02 -9.07 12.50
C CYS A 200 4.78 -8.47 13.88
N LEU A 201 3.73 -7.67 14.01
CA LEU A 201 3.37 -7.08 15.30
C LEU A 201 3.01 -8.16 16.30
N THR A 202 2.20 -9.10 15.86
CA THR A 202 1.76 -10.18 16.72
C THR A 202 2.93 -11.04 17.21
N LYS A 203 3.79 -11.46 16.28
CA LYS A 203 4.91 -12.33 16.62
C LYS A 203 5.96 -11.61 17.47
N GLN A 204 6.34 -10.42 17.05
CA GLN A 204 7.42 -9.69 17.71
C GLN A 204 6.95 -8.94 18.94
N GLY A 205 5.68 -8.59 18.96
CA GLY A 205 5.09 -7.90 20.10
C GLY A 205 4.66 -8.91 21.16
N GLN A 206 4.71 -10.18 20.79
CA GLN A 206 4.34 -11.29 21.68
C GLN A 206 2.96 -11.14 22.29
N VAL A 207 1.95 -10.95 21.44
CA VAL A 207 0.56 -10.89 21.87
C VAL A 207 -0.25 -11.84 21.00
N ASP A 208 -1.54 -11.97 21.29
CA ASP A 208 -2.45 -12.73 20.43
C ASP A 208 -2.74 -11.88 19.19
N LEU A 209 -2.96 -12.54 18.06
CA LEU A 209 -3.29 -11.82 16.85
C LEU A 209 -4.47 -10.88 17.09
N ASN A 210 -5.44 -11.30 17.89
CA ASN A 210 -6.59 -10.46 18.16
C ASN A 210 -6.22 -9.16 18.88
N ASP A 211 -5.19 -9.23 19.72
CA ASP A 211 -4.72 -8.03 20.41
C ASP A 211 -4.27 -7.00 19.39
N ALA A 212 -3.56 -7.48 18.39
CA ALA A 212 -3.05 -6.60 17.35
C ALA A 212 -4.22 -6.06 16.53
N VAL A 213 -5.18 -6.94 16.24
CA VAL A 213 -6.37 -6.55 15.46
C VAL A 213 -7.14 -5.44 16.15
N GLN A 214 -7.40 -5.60 17.45
CA GLN A 214 -8.16 -4.59 18.18
C GLN A 214 -7.43 -3.25 18.21
N ALA A 215 -6.12 -3.29 18.41
CA ALA A 215 -5.32 -2.06 18.47
C ALA A 215 -5.40 -1.33 17.15
N LEU A 216 -5.18 -2.07 16.06
CA LEU A 216 -5.17 -1.43 14.75
C LEU A 216 -6.57 -0.95 14.35
N THR A 217 -7.60 -1.61 14.85
CA THR A 217 -8.98 -1.17 14.59
C THR A 217 -9.19 0.26 15.08
N ASP A 218 -8.68 0.58 16.27
CA ASP A 218 -8.80 1.94 16.81
C ASP A 218 -8.10 2.95 15.92
N LEU A 219 -6.96 2.55 15.36
CA LEU A 219 -6.20 3.41 14.48
C LEU A 219 -6.99 3.65 13.19
N GLY A 220 -7.60 2.59 12.66
CA GLY A 220 -8.48 2.71 11.51
C GLY A 220 -9.63 3.68 11.76
N LEU A 221 -10.22 3.61 12.94
CA LEU A 221 -11.30 4.52 13.31
C LEU A 221 -10.85 5.98 13.29
N ILE A 222 -9.67 6.25 13.85
CA ILE A 222 -9.13 7.61 13.82
C ILE A 222 -8.98 8.06 12.37
N TYR A 223 -8.56 7.14 11.51
CA TYR A 223 -8.30 7.43 10.10
C TYR A 223 -9.59 7.74 9.33
N THR A 224 -10.74 7.41 9.89
CA THR A 224 -12.00 7.82 9.25
C THR A 224 -12.20 9.32 9.42
N ALA A 225 -11.49 9.91 10.38
CA ALA A 225 -11.64 11.32 10.75
C ALA A 225 -10.44 12.22 10.38
N LYS A 226 -9.24 11.65 10.34
CA LYS A 226 -8.04 12.44 10.12
C LYS A 226 -6.88 11.50 9.85
N TYR A 227 -5.77 12.02 9.35
CA TYR A 227 -4.54 11.21 9.31
C TYR A 227 -4.04 11.07 10.74
N PRO A 228 -3.97 9.83 11.24
CA PRO A 228 -3.42 9.67 12.59
C PRO A 228 -1.98 10.19 12.64
N ASN A 229 -1.59 10.81 13.75
CA ASN A 229 -0.21 11.23 13.94
C ASN A 229 0.42 10.55 15.15
N THR A 230 1.67 10.93 15.47
CA THR A 230 2.41 10.30 16.55
C THR A 230 1.71 10.46 17.90
N SER A 231 1.02 11.58 18.06
CA SER A 231 0.28 11.87 19.29
C SER A 231 -0.95 10.98 19.44
N ASP A 232 -1.68 10.85 18.33
CA ASP A 232 -2.81 9.93 18.28
C ASP A 232 -2.31 8.55 18.67
N LEU A 233 -1.15 8.19 18.14
CA LEU A 233 -0.53 6.91 18.40
C LEU A 233 -0.14 6.75 19.87
N ASP A 234 0.48 7.79 20.43
CA ASP A 234 0.86 7.78 21.83
C ASP A 234 -0.35 7.54 22.71
N ARG A 235 -1.43 8.28 22.45
CA ARG A 235 -2.65 8.13 23.24
C ARG A 235 -3.19 6.71 23.16
N LEU A 236 -3.25 6.17 21.94
CA LEU A 236 -3.76 4.82 21.72
C LEU A 236 -2.97 3.77 22.48
N THR A 237 -1.65 3.95 22.50
CA THR A 237 -0.78 3.00 23.19
C THR A 237 -1.13 2.84 24.67
N GLN A 238 -1.76 3.86 25.26
CA GLN A 238 -2.15 3.80 26.66
C GLN A 238 -3.18 2.70 26.92
N SER A 239 -3.98 2.39 25.90
CA SER A 239 -4.99 1.33 26.00
C SER A 239 -4.62 0.10 25.17
N HIS A 240 -3.68 0.28 24.25
CA HIS A 240 -3.22 -0.81 23.39
C HIS A 240 -1.69 -0.84 23.30
N PRO A 241 -1.04 -1.46 24.30
CA PRO A 241 0.42 -1.51 24.49
C PRO A 241 1.18 -2.19 23.34
N ILE A 242 0.51 -3.02 22.56
CA ILE A 242 1.15 -3.66 21.42
C ILE A 242 1.69 -2.59 20.47
N LEU A 243 1.07 -1.42 20.49
CA LEU A 243 1.44 -0.35 19.56
C LEU A 243 2.78 0.30 19.93
N ASN A 244 3.37 -0.15 21.04
CA ASN A 244 4.70 0.26 21.45
C ASN A 244 5.77 -0.27 20.49
N MET A 245 5.39 -1.28 19.71
CA MET A 245 6.28 -1.87 18.72
C MET A 245 6.55 -0.88 17.62
N ILE A 246 5.64 0.07 17.45
CA ILE A 246 5.77 1.09 16.43
C ILE A 246 6.48 2.30 17.00
N ASP A 247 7.80 2.35 16.80
CA ASP A 247 8.58 3.47 17.28
C ASP A 247 8.71 4.50 16.16
N THR A 248 8.00 5.60 16.30
CA THR A 248 7.98 6.64 15.28
C THR A 248 9.34 7.30 15.11
N LYS A 249 10.17 7.22 16.14
CA LYS A 249 11.52 7.76 16.11
C LYS A 249 12.41 6.88 15.25
N LYS A 250 12.11 5.59 15.20
CA LYS A 250 12.93 4.64 14.48
C LYS A 250 12.37 4.38 13.07
N SER A 251 11.12 4.77 12.86
CA SER A 251 10.55 4.60 11.53
C SER A 251 11.36 5.43 10.52
N SER A 252 11.45 4.94 9.29
CA SER A 252 12.18 5.63 8.24
C SER A 252 11.64 5.31 6.84
N LEU A 253 12.13 6.06 5.86
CA LEU A 253 11.72 5.90 4.47
C LEU A 253 12.42 4.70 3.85
N ASN A 254 11.71 3.95 3.01
CA ASN A 254 12.28 2.84 2.25
C ASN A 254 13.02 1.74 3.03
N ILE A 255 12.48 1.36 4.19
CA ILE A 255 13.08 0.27 4.94
C ILE A 255 12.20 -0.99 5.00
N SER A 256 11.22 -1.05 4.10
CA SER A 256 10.42 -2.25 3.82
C SER A 256 9.25 -2.46 4.78
N GLY A 257 8.31 -3.30 4.36
CA GLY A 257 7.08 -3.53 5.08
C GLY A 257 7.29 -4.50 6.24
N TYR A 258 8.54 -4.92 6.42
CA TYR A 258 8.91 -5.77 7.56
C TYR A 258 9.17 -4.93 8.79
N ASN A 259 9.66 -3.72 8.57
CA ASN A 259 9.87 -2.78 9.65
C ASN A 259 8.59 -2.02 9.96
N PHE A 260 8.44 -1.59 11.21
CA PHE A 260 7.20 -0.98 11.64
C PHE A 260 7.19 0.52 11.33
N SER A 261 5.99 1.06 11.11
CA SER A 261 5.83 2.49 10.89
C SER A 261 4.40 2.87 11.19
N LEU A 262 4.15 4.14 11.47
CA LEU A 262 2.77 4.55 11.71
C LEU A 262 1.95 4.39 10.43
N GLY A 263 2.53 4.75 9.31
CA GLY A 263 1.81 4.67 8.05
C GLY A 263 1.33 3.27 7.73
N ALA A 264 2.18 2.26 7.94
CA ALA A 264 1.80 0.89 7.66
C ALA A 264 0.74 0.43 8.65
N ALA A 265 0.84 0.90 9.89
CA ALA A 265 -0.15 0.52 10.90
C ALA A 265 -1.49 1.11 10.55
N VAL A 266 -1.49 2.34 10.05
CA VAL A 266 -2.73 2.99 9.65
C VAL A 266 -3.36 2.28 8.44
N LYS A 267 -2.53 1.94 7.45
CA LYS A 267 -3.02 1.15 6.33
C LYS A 267 -3.69 -0.14 6.81
N ALA A 268 -3.06 -0.85 7.75
CA ALA A 268 -3.66 -2.08 8.26
C ALA A 268 -4.97 -1.82 9.05
N GLY A 269 -4.97 -0.78 9.88
CA GLY A 269 -6.17 -0.41 10.61
C GLY A 269 -7.33 -0.10 9.69
N ALA A 270 -7.03 0.56 8.56
CA ALA A 270 -8.04 0.87 7.55
C ALA A 270 -8.77 -0.39 7.04
N CYS A 271 -8.12 -1.55 7.12
CA CYS A 271 -8.74 -2.79 6.65
C CYS A 271 -9.56 -3.48 7.72
N MET A 272 -9.47 -2.98 8.95
CA MET A 272 -10.08 -3.67 10.09
C MET A 272 -11.53 -3.23 10.32
N LEU A 273 -12.00 -2.29 9.51
CA LEU A 273 -13.31 -1.68 9.76
C LEU A 273 -14.49 -2.36 9.07
N ASP A 274 -15.69 -2.17 9.62
CA ASP A 274 -16.93 -2.56 8.95
C ASP A 274 -17.51 -1.32 8.27
N GLY A 275 -17.40 -1.25 6.96
CA GLY A 275 -17.73 -0.04 6.22
C GLY A 275 -16.67 1.04 6.32
N GLY A 276 -17.05 2.28 6.08
CA GLY A 276 -16.10 3.38 6.14
C GLY A 276 -15.49 3.79 4.80
N ASN A 277 -15.79 3.04 3.75
CA ASN A 277 -15.28 3.35 2.41
C ASN A 277 -13.79 3.61 2.40
N MET A 278 -13.00 2.75 3.04
CA MET A 278 -11.56 2.94 3.03
C MET A 278 -10.98 2.62 1.65
N LEU A 279 -10.19 3.52 1.09
CA LEU A 279 -9.56 3.28 -0.21
C LEU A 279 -8.70 2.03 -0.15
N GLU A 280 -8.15 1.75 1.02
CA GLU A 280 -7.26 0.60 1.20
C GLU A 280 -7.93 -0.71 0.83
N THR A 281 -9.26 -0.75 0.91
CA THR A 281 -9.97 -2.01 0.66
C THR A 281 -10.36 -2.19 -0.80
N ILE A 282 -9.99 -1.23 -1.65
CA ILE A 282 -10.39 -1.29 -3.06
C ILE A 282 -9.80 -2.49 -3.78
N LYS A 283 -10.62 -3.11 -4.62
CA LYS A 283 -10.18 -4.19 -5.48
C LYS A 283 -10.32 -3.72 -6.92
N VAL A 284 -9.30 -3.98 -7.73
CA VAL A 284 -9.39 -3.66 -9.15
C VAL A 284 -9.40 -4.94 -9.98
N SER A 285 -10.15 -4.92 -11.08
CA SER A 285 -10.17 -6.04 -11.99
C SER A 285 -10.15 -5.44 -13.40
N PRO A 286 -9.84 -6.24 -14.41
CA PRO A 286 -9.84 -5.64 -15.75
C PRO A 286 -11.21 -5.08 -16.12
N GLN A 287 -12.29 -5.65 -15.59
CA GLN A 287 -13.62 -5.17 -15.92
C GLN A 287 -14.04 -3.90 -15.18
N THR A 288 -13.36 -3.59 -14.08
CA THR A 288 -13.66 -2.39 -13.30
C THR A 288 -12.63 -1.27 -13.42
N MET A 289 -11.48 -1.58 -13.99
CA MET A 289 -10.36 -0.63 -14.08
C MET A 289 -10.80 0.74 -14.65
N ASP A 290 -11.48 0.75 -15.78
CA ASP A 290 -11.82 2.01 -16.45
C ASP A 290 -12.79 2.84 -15.61
N GLY A 291 -13.76 2.18 -14.98
CA GLY A 291 -14.73 2.87 -14.14
C GLY A 291 -14.11 3.48 -12.90
N ILE A 292 -13.15 2.76 -12.29
CA ILE A 292 -12.42 3.24 -11.13
C ILE A 292 -11.61 4.48 -11.54
N LEU A 293 -10.94 4.40 -12.68
CA LEU A 293 -10.21 5.57 -13.20
C LEU A 293 -11.13 6.75 -13.52
N LYS A 294 -12.30 6.46 -14.10
CA LYS A 294 -13.25 7.52 -14.44
C LYS A 294 -13.70 8.23 -13.15
N SER A 295 -13.94 7.46 -12.10
CA SER A 295 -14.33 8.02 -10.80
C SER A 295 -13.25 8.89 -10.21
N ILE A 296 -12.01 8.40 -10.27
CA ILE A 296 -10.88 9.19 -9.80
C ILE A 296 -10.80 10.51 -10.57
N LEU A 297 -10.98 10.45 -11.89
CA LEU A 297 -10.92 11.68 -12.70
C LEU A 297 -12.04 12.67 -12.36
N LYS A 298 -13.20 12.15 -11.99
CA LYS A 298 -14.29 13.01 -11.55
C LYS A 298 -13.87 13.81 -10.33
N VAL A 299 -13.20 13.15 -9.40
CA VAL A 299 -12.73 13.80 -8.18
C VAL A 299 -11.58 14.74 -8.47
N LYS A 300 -10.69 14.35 -9.38
CA LYS A 300 -9.57 15.19 -9.78
C LYS A 300 -10.10 16.53 -10.28
N LYS A 301 -11.12 16.48 -11.14
CA LYS A 301 -11.72 17.68 -11.67
C LYS A 301 -12.41 18.49 -10.57
N ALA A 302 -13.16 17.80 -9.72
CA ALA A 302 -13.95 18.47 -8.70
C ALA A 302 -13.07 19.28 -7.75
N LEU A 303 -11.98 18.66 -7.29
CA LEU A 303 -11.13 19.25 -6.26
C LEU A 303 -9.86 19.88 -6.82
N GLY A 304 -9.68 19.79 -8.13
CA GLY A 304 -8.47 20.25 -8.77
C GLY A 304 -7.24 19.55 -8.27
N MET A 305 -7.28 18.22 -8.17
CA MET A 305 -6.12 17.45 -7.75
C MET A 305 -5.08 17.40 -8.86
N PHE A 306 -3.85 17.05 -8.50
CA PHE A 306 -2.77 17.10 -9.46
C PHE A 306 -1.60 16.28 -8.98
N ILE A 307 -0.73 15.88 -9.92
CA ILE A 307 0.53 15.24 -9.59
C ILE A 307 1.52 16.36 -9.28
N SER A 308 2.07 16.38 -8.06
CA SER A 308 3.05 17.40 -7.71
C SER A 308 4.35 17.19 -8.50
N ASP A 309 4.99 18.28 -8.89
CA ASP A 309 6.21 18.19 -9.69
C ASP A 309 7.46 17.96 -8.83
N THR A 310 7.30 18.10 -7.52
CA THR A 310 8.37 17.86 -6.56
C THR A 310 8.54 16.38 -6.29
N PRO A 311 9.74 15.84 -6.54
CA PRO A 311 10.02 14.41 -6.39
C PRO A 311 10.04 13.92 -4.94
N GLY A 312 9.60 14.75 -4.01
CA GLY A 312 9.57 14.37 -2.60
C GLY A 312 8.18 14.10 -2.06
N GLU A 313 7.23 14.97 -2.40
CA GLU A 313 5.87 14.84 -1.89
C GLU A 313 5.09 13.75 -2.62
N ARG A 314 4.21 13.08 -1.90
CA ARG A 314 3.30 12.11 -2.49
C ARG A 314 1.90 12.29 -1.91
N ASN A 315 1.02 12.89 -2.71
CA ASN A 315 -0.32 13.21 -2.23
C ASN A 315 -1.28 12.09 -2.57
N PRO A 316 -2.52 12.17 -2.05
CA PRO A 316 -3.45 11.05 -2.23
C PRO A 316 -3.78 10.72 -3.69
N TYR A 317 -3.75 11.72 -4.56
CA TYR A 317 -4.05 11.48 -5.97
C TYR A 317 -2.90 10.74 -6.66
N GLU A 318 -1.67 11.24 -6.50
CA GLU A 318 -0.51 10.51 -6.98
C GLU A 318 -0.50 9.09 -6.45
N ASN A 319 -0.82 8.95 -5.16
CA ASN A 319 -0.79 7.66 -4.51
C ASN A 319 -1.78 6.68 -5.15
N ILE A 320 -3.03 7.10 -5.32
CA ILE A 320 -4.03 6.17 -5.86
C ILE A 320 -3.77 5.90 -7.35
N LEU A 321 -3.40 6.94 -8.09
CA LEU A 321 -3.17 6.74 -9.53
C LEU A 321 -2.05 5.74 -9.74
N TYR A 322 -0.95 5.91 -9.02
CA TYR A 322 0.16 4.97 -9.13
C TYR A 322 -0.28 3.54 -8.77
N LYS A 323 -0.92 3.41 -7.61
CA LYS A 323 -1.26 2.08 -7.11
C LYS A 323 -2.26 1.36 -8.02
N ILE A 324 -3.25 2.09 -8.53
CA ILE A 324 -4.21 1.45 -9.43
C ILE A 324 -3.54 1.03 -10.73
N CYS A 325 -2.72 1.90 -11.29
CA CYS A 325 -2.13 1.66 -12.61
C CYS A 325 -1.00 0.64 -12.61
N LEU A 326 -0.54 0.23 -11.43
CA LEU A 326 0.49 -0.79 -11.35
C LEU A 326 -0.02 -2.14 -11.86
N SER A 327 -1.32 -2.40 -11.66
CA SER A 327 -1.91 -3.67 -12.07
C SER A 327 -3.42 -3.62 -12.19
N GLY A 328 -3.94 -4.26 -13.25
CA GLY A 328 -5.37 -4.32 -13.43
C GLY A 328 -6.05 -5.45 -12.67
N ASP A 329 -5.31 -6.15 -11.82
CA ASP A 329 -5.89 -7.29 -11.09
C ASP A 329 -5.29 -7.43 -9.69
N GLY A 330 -6.01 -6.95 -8.68
CA GLY A 330 -5.51 -7.07 -7.32
C GLY A 330 -6.11 -6.04 -6.37
N TRP A 331 -5.45 -5.85 -5.24
CA TRP A 331 -5.88 -4.87 -4.24
C TRP A 331 -4.75 -3.86 -4.17
N PRO A 332 -4.91 -2.72 -4.84
CA PRO A 332 -3.82 -1.77 -5.10
C PRO A 332 -3.07 -1.30 -3.85
N TYR A 333 -3.76 -1.16 -2.72
CA TYR A 333 -3.08 -0.67 -1.52
C TYR A 333 -2.50 -1.75 -0.62
N ILE A 334 -3.11 -2.93 -0.61
CA ILE A 334 -2.89 -3.86 0.50
C ILE A 334 -2.47 -5.29 0.12
N ALA A 335 -2.47 -5.62 -1.16
CA ALA A 335 -2.12 -6.97 -1.58
C ALA A 335 -0.62 -7.17 -1.58
N SER A 336 -0.17 -8.41 -1.54
CA SER A 336 1.19 -8.71 -1.95
C SER A 336 1.41 -8.33 -3.42
N ARG A 337 2.32 -7.39 -3.65
CA ARG A 337 2.63 -6.94 -5.00
C ARG A 337 4.07 -7.27 -5.39
N THR A 338 4.73 -8.09 -4.59
CA THR A 338 6.16 -8.38 -4.80
C THR A 338 6.49 -9.22 -6.04
N SER A 339 5.49 -9.86 -6.64
CA SER A 339 5.69 -10.62 -7.88
C SER A 339 5.56 -9.74 -9.11
N ILE A 340 5.14 -8.49 -8.92
CA ILE A 340 4.89 -7.60 -10.05
C ILE A 340 6.19 -7.00 -10.56
N THR A 341 6.33 -6.95 -11.88
CA THR A 341 7.44 -6.26 -12.51
C THR A 341 6.93 -4.97 -13.14
N GLY A 342 7.78 -3.95 -13.14
CA GLY A 342 7.44 -2.70 -13.81
C GLY A 342 6.81 -1.67 -12.89
N ARG A 343 6.67 -0.45 -13.41
CA ARG A 343 6.09 0.67 -12.67
C ARG A 343 4.72 0.96 -13.27
N ALA A 344 3.96 1.84 -12.63
CA ALA A 344 2.60 2.13 -13.09
C ALA A 344 2.57 2.61 -14.53
N TRP A 345 3.53 3.45 -14.92
CA TRP A 345 3.53 4.03 -16.27
C TRP A 345 3.96 3.01 -17.33
N GLU A 346 4.45 1.86 -16.88
CA GLU A 346 4.80 0.77 -17.79
C GLU A 346 3.68 -0.25 -17.91
N ASN A 347 2.91 -0.39 -16.84
CA ASN A 347 1.90 -1.43 -16.73
C ASN A 347 0.51 -0.97 -17.11
N THR A 348 0.33 0.34 -17.19
CA THR A 348 -0.89 0.92 -17.73
C THR A 348 -0.51 1.93 -18.80
N VAL A 349 -0.90 1.66 -20.04
CA VAL A 349 -0.60 2.57 -21.14
C VAL A 349 -1.90 3.02 -21.79
N VAL A 350 -1.82 4.10 -22.55
CA VAL A 350 -3.00 4.72 -23.12
C VAL A 350 -2.87 4.73 -24.64
N ASP A 351 -3.89 4.22 -25.32
CA ASP A 351 -3.98 4.35 -26.77
C ASP A 351 -4.88 5.55 -27.08
N LEU A 352 -4.26 6.67 -27.41
CA LEU A 352 -4.99 7.89 -27.67
C LEU A 352 -5.64 7.70 -29.03
N GLU A 353 -5.09 6.74 -29.77
CA GLU A 353 -5.61 6.29 -31.05
C GLU A 353 -5.27 7.28 -32.15
NI NI C . -9.44 0.23 21.87
NI NI D . -2.53 -22.33 14.89
#